data_8YVJ
#
_entry.id   8YVJ
#
_cell.length_a   32.156
_cell.length_b   71.739
_cell.length_c   93.405
_cell.angle_alpha   90.00
_cell.angle_beta   90.00
_cell.angle_gamma   90.00
#
_symmetry.space_group_name_H-M   'P 21 21 21'
#
loop_
_entity.id
_entity.type
_entity.pdbx_description
1 polymer 'H5.2 nanobody (VHH)'
2 polymer 'Toxin A'
3 non-polymer 1,2-ETHANEDIOL
4 non-polymer 'PHOSPHATE ION'
5 water water
#
loop_
_entity_poly.entity_id
_entity_poly.type
_entity_poly.pdbx_seq_one_letter_code
_entity_poly.pdbx_strand_id
1 'polypeptide(L)'
;HMAQVTLKESGGGSVQAGGSLRLSCAGPRHIPGSVCMGWYRQVPGKEREGVALILIGDGHTNYADSVKGRFTISQDSAAN
TVYLQMNSLKPEDTAVYYCAAARGLSDWTCSFESGVNSWGQGTQVTVSS
;
A
2 'polypeptide(L)'
;HMGANGYKTIDNKNFYFRNGLPQIGVFKGSNGFEYFAPANTDANNIEGQAIRYQNRFLHLLGKIYYFGNNSKAVTGWQTI
NGKVYYFMPDTAMAAAGGLFEIDGVIYFFGVDGVKAPGIYG
;
B
#
# COMPACT_ATOMS: atom_id res chain seq x y z
N HIS A 1 -6.85 -11.33 2.53
CA HIS A 1 -5.87 -11.55 3.63
C HIS A 1 -4.73 -10.54 3.50
N MET A 2 -4.17 -10.09 4.64
CA MET A 2 -3.00 -9.20 4.62
C MET A 2 -1.71 -9.97 4.89
N ALA A 3 -0.89 -10.14 3.85
CA ALA A 3 0.40 -10.80 3.98
C ALA A 3 1.30 -10.00 4.93
N GLN A 4 2.18 -10.72 5.66
CA GLN A 4 3.15 -10.03 6.49
C GLN A 4 4.10 -9.22 5.60
N VAL A 5 4.53 -8.04 6.10
CA VAL A 5 5.48 -7.21 5.35
C VAL A 5 6.69 -6.93 6.26
N THR A 6 7.86 -6.67 5.63
CA THR A 6 9.05 -6.20 6.36
C THR A 6 8.91 -4.70 6.62
N LEU A 7 9.20 -4.29 7.85
CA LEU A 7 9.17 -2.86 8.20
C LEU A 7 10.57 -2.42 8.62
N LYS A 8 11.18 -1.54 7.84
CA LYS A 8 12.53 -1.12 8.18
C LYS A 8 12.46 0.22 8.87
N GLU A 9 13.16 0.31 10.00
CA GLU A 9 13.07 1.50 10.83
C GLU A 9 14.39 2.29 10.85
N SER A 10 14.27 3.60 11.03
CA SER A 10 15.47 4.38 11.24
C SER A 10 15.13 5.56 12.17
N GLY A 11 16.14 6.04 12.85
CA GLY A 11 16.01 7.28 13.59
C GLY A 11 16.20 6.98 15.06
N GLY A 12 15.47 7.76 15.87
CA GLY A 12 15.60 7.65 17.31
C GLY A 12 16.83 8.39 17.79
N GLY A 13 17.21 8.04 19.02
CA GLY A 13 18.39 8.65 19.59
C GLY A 13 18.17 9.00 21.05
N SER A 14 19.03 9.88 21.57
CA SER A 14 19.01 10.15 22.98
C SER A 14 19.09 11.66 23.16
N VAL A 15 18.17 12.27 23.91
CA VAL A 15 18.13 13.71 24.02
C VAL A 15 17.84 14.07 25.45
N GLN A 16 18.07 15.36 25.76
CA GLN A 16 17.63 15.91 27.03
C GLN A 16 16.14 16.15 26.94
N ALA A 17 15.47 16.20 28.11
CA ALA A 17 14.08 16.59 28.20
C ALA A 17 13.84 17.88 27.42
N GLY A 18 12.80 17.86 26.59
CA GLY A 18 12.49 19.05 25.80
C GLY A 18 12.95 18.94 24.35
N GLY A 19 13.74 17.89 24.00
CA GLY A 19 14.34 17.83 22.68
C GLY A 19 13.37 17.28 21.64
N SER A 20 13.87 17.11 20.40
CA SER A 20 13.05 16.61 19.31
C SER A 20 13.87 15.54 18.59
N LEU A 21 13.18 14.52 18.10
CA LEU A 21 13.77 13.40 17.37
C LEU A 21 12.77 12.97 16.31
N ARG A 22 13.21 12.21 15.30
CA ARG A 22 12.26 11.72 14.31
C ARG A 22 12.49 10.23 14.12
N LEU A 23 11.38 9.48 13.95
CA LEU A 23 11.54 8.09 13.54
C LEU A 23 11.02 7.99 12.09
N SER A 24 11.52 6.97 11.37
CA SER A 24 10.94 6.63 10.05
C SER A 24 10.71 5.11 9.97
N CYS A 25 9.65 4.73 9.22
CA CYS A 25 9.41 3.32 9.02
C CYS A 25 8.98 3.11 7.57
N ALA A 26 9.70 2.20 6.87
CA ALA A 26 9.39 1.89 5.47
C ALA A 26 8.86 0.47 5.32
N GLY A 27 7.75 0.34 4.58
CA GLY A 27 7.21 -0.96 4.21
C GLY A 27 7.46 -1.18 2.71
N PRO A 28 7.02 -2.32 2.21
CA PRO A 28 7.15 -2.61 0.77
C PRO A 28 6.29 -1.69 -0.06
N ARG A 29 6.66 -1.60 -1.37
CA ARG A 29 6.09 -0.59 -2.24
C ARG A 29 4.63 -0.91 -2.53
N HIS A 30 4.27 -2.19 -2.51
CA HIS A 30 2.92 -2.64 -2.84
C HIS A 30 2.38 -3.44 -1.66
N ILE A 31 1.25 -3.00 -1.09
CA ILE A 31 0.50 -3.70 -0.04
C ILE A 31 -0.94 -3.78 -0.49
N PRO A 32 -1.50 -4.97 -0.78
CA PRO A 32 -2.91 -5.03 -1.18
C PRO A 32 -3.79 -4.54 -0.04
N GLY A 33 -4.94 -3.96 -0.40
CA GLY A 33 -5.93 -3.51 0.57
C GLY A 33 -5.51 -2.19 1.23
N SER A 34 -6.22 -1.82 2.30
CA SER A 34 -5.89 -0.58 2.98
C SER A 34 -4.94 -0.89 4.13
N VAL A 35 -4.13 0.10 4.51
CA VAL A 35 -3.09 -0.15 5.50
C VAL A 35 -2.90 1.04 6.42
N CYS A 36 -2.89 0.69 7.71
CA CYS A 36 -2.51 1.64 8.73
C CYS A 36 -1.07 1.35 9.13
N MET A 37 -0.24 2.41 9.22
CA MET A 37 1.15 2.22 9.62
C MET A 37 1.43 3.22 10.72
N GLY A 38 2.33 2.85 11.62
CA GLY A 38 2.74 3.82 12.63
C GLY A 38 3.51 3.09 13.72
N TRP A 39 3.38 3.56 14.97
CA TRP A 39 4.21 3.06 16.06
C TRP A 39 3.43 2.73 17.33
N TYR A 40 3.95 1.67 17.97
CA TYR A 40 3.64 1.45 19.38
C TYR A 40 4.95 1.55 20.17
N ARG A 41 4.87 1.65 21.50
CA ARG A 41 6.16 1.78 22.22
C ARG A 41 6.07 0.85 23.43
N GLN A 42 7.22 0.34 23.89
CA GLN A 42 7.18 -0.51 25.08
C GLN A 42 8.50 -0.31 25.83
N VAL A 43 8.38 -0.01 27.11
CA VAL A 43 9.53 0.04 27.99
C VAL A 43 9.77 -1.38 28.46
N PRO A 44 11.00 -1.93 28.40
CA PRO A 44 11.28 -3.26 28.96
C PRO A 44 10.80 -3.33 30.42
N GLY A 45 9.96 -4.35 30.67
CA GLY A 45 9.35 -4.45 32.01
C GLY A 45 7.89 -3.99 32.04
N LYS A 46 7.43 -3.29 31.00
CA LYS A 46 6.11 -2.68 31.00
C LYS A 46 5.30 -3.21 29.81
N GLU A 47 4.06 -2.73 29.68
CA GLU A 47 3.23 -3.16 28.55
C GLU A 47 3.43 -2.25 27.34
N ARG A 48 3.11 -2.82 26.19
CA ARG A 48 3.19 -2.04 24.96
C ARG A 48 1.96 -1.15 24.81
N GLU A 49 2.18 0.05 24.28
CA GLU A 49 1.08 0.99 24.11
C GLU A 49 1.14 1.58 22.69
N GLY A 50 -0.04 1.88 22.17
CA GLY A 50 -0.07 2.57 20.87
C GLY A 50 0.44 3.99 21.02
N VAL A 51 1.10 4.46 19.96
CA VAL A 51 1.58 5.83 19.96
C VAL A 51 0.83 6.61 18.87
N ALA A 52 0.97 6.19 17.61
CA ALA A 52 0.34 6.97 16.52
C ALA A 52 0.19 6.08 15.30
N LEU A 53 -0.97 6.18 14.62
CA LEU A 53 -1.11 5.46 13.34
C LEU A 53 -1.65 6.42 12.29
N ILE A 54 -1.37 6.11 11.02
CA ILE A 54 -1.98 6.86 9.92
C ILE A 54 -2.42 5.89 8.83
N LEU A 55 -3.55 6.23 8.15
CA LEU A 55 -3.99 5.30 7.09
C LEU A 55 -3.37 5.78 5.78
N ILE A 56 -2.48 4.97 5.21
CA ILE A 56 -1.65 5.38 4.07
C ILE A 56 -2.58 5.68 2.89
N GLY A 57 -2.33 6.83 2.23
CA GLY A 57 -3.10 7.16 1.02
C GLY A 57 -4.48 7.74 1.33
N ASP A 58 -4.79 7.98 2.61
CA ASP A 58 -6.08 8.60 2.92
C ASP A 58 -5.89 9.63 4.04
N GLY A 59 -5.32 9.21 5.17
CA GLY A 59 -4.79 10.21 6.09
C GLY A 59 -5.44 10.22 7.48
N HIS A 60 -6.43 9.36 7.78
CA HIS A 60 -6.94 9.28 9.17
C HIS A 60 -5.72 9.10 10.09
N THR A 61 -5.67 9.89 11.17
CA THR A 61 -4.62 9.68 12.19
C THR A 61 -5.26 9.27 13.51
N ASN A 62 -4.51 8.49 14.30
CA ASN A 62 -4.93 8.15 15.65
C ASN A 62 -3.71 8.36 16.55
N TYR A 63 -3.86 9.13 17.64
CA TYR A 63 -2.78 9.36 18.59
C TYR A 63 -3.17 8.91 20.00
N ALA A 64 -2.19 8.37 20.72
CA ALA A 64 -2.38 8.17 22.16
C ALA A 64 -2.62 9.55 22.80
N ASP A 65 -3.50 9.61 23.81
CA ASP A 65 -3.67 10.89 24.49
C ASP A 65 -2.35 11.42 25.07
N SER A 66 -1.45 10.53 25.50
CA SER A 66 -0.23 10.99 26.17
C SER A 66 0.76 11.68 25.22
N VAL A 67 0.59 11.52 23.91
CA VAL A 67 1.49 12.16 22.96
C VAL A 67 0.77 13.20 22.07
N LYS A 68 -0.56 13.28 22.12
CA LYS A 68 -1.22 14.24 21.27
C LYS A 68 -0.70 15.63 21.57
N GLY A 69 -0.49 16.42 20.49
CA GLY A 69 -0.01 17.79 20.54
C GLY A 69 1.50 17.89 20.67
N ARG A 70 2.18 16.72 20.80
CA ARG A 70 3.65 16.70 20.84
C ARG A 70 4.25 15.85 19.74
N PHE A 71 3.65 14.69 19.48
CA PHE A 71 4.16 13.86 18.37
C PHE A 71 3.24 13.96 17.17
N THR A 72 3.81 13.99 15.97
CA THR A 72 2.99 14.09 14.75
C THR A 72 3.39 12.95 13.83
N ILE A 73 2.38 12.21 13.38
CA ILE A 73 2.67 11.17 12.38
C ILE A 73 2.32 11.71 10.99
N SER A 74 3.20 11.44 10.03
CA SER A 74 2.93 11.83 8.65
C SER A 74 3.38 10.68 7.74
N GLN A 75 2.90 10.67 6.50
CA GLN A 75 3.38 9.68 5.54
C GLN A 75 4.24 10.38 4.49
N ASP A 76 5.12 9.57 3.91
CA ASP A 76 5.85 10.02 2.74
C ASP A 76 4.86 10.16 1.58
N SER A 77 5.07 11.18 0.72
CA SER A 77 4.05 11.33 -0.31
C SER A 77 4.36 10.48 -1.54
N ALA A 78 5.36 9.61 -1.48
CA ALA A 78 5.68 8.78 -2.63
C ALA A 78 6.06 7.37 -2.21
N ALA A 79 5.74 6.99 -0.96
CA ALA A 79 6.16 5.65 -0.54
C ALA A 79 5.27 5.15 0.60
N ASN A 80 5.29 3.83 0.82
CA ASN A 80 4.57 3.23 1.94
C ASN A 80 5.50 3.36 3.15
N THR A 81 5.70 4.59 3.61
CA THR A 81 6.67 4.96 4.63
C THR A 81 6.04 6.06 5.47
N VAL A 82 6.24 5.95 6.79
CA VAL A 82 5.72 6.95 7.71
C VAL A 82 6.85 7.52 8.56
N TYR A 83 6.55 8.67 9.12
CA TYR A 83 7.50 9.40 9.96
C TYR A 83 6.81 9.77 11.26
N LEU A 84 7.56 9.74 12.38
CA LEU A 84 7.05 10.24 13.65
C LEU A 84 7.93 11.39 14.09
N GLN A 85 7.36 12.60 14.09
CA GLN A 85 8.14 13.73 14.55
C GLN A 85 7.86 13.84 16.04
N MET A 86 8.89 13.59 16.88
CA MET A 86 8.67 13.52 18.33
C MET A 86 9.16 14.83 18.93
N ASN A 87 8.27 15.80 19.09
CA ASN A 87 8.68 17.07 19.66
C ASN A 87 8.47 17.07 21.18
N SER A 88 9.10 18.04 21.85
CA SER A 88 8.80 18.32 23.26
C SER A 88 8.94 17.03 24.10
N LEU A 89 10.05 16.32 23.88
CA LEU A 89 10.24 14.99 24.49
C LEU A 89 10.33 15.08 26.01
N LYS A 90 9.71 14.07 26.66
CA LYS A 90 9.69 13.97 28.11
C LYS A 90 10.42 12.70 28.54
N PRO A 91 11.00 12.63 29.76
CA PRO A 91 11.64 11.38 30.19
C PRO A 91 10.70 10.18 30.04
N GLU A 92 9.41 10.36 30.29
CA GLU A 92 8.44 9.27 30.21
C GLU A 92 8.19 8.78 28.79
N ASP A 93 8.82 9.44 27.79
CA ASP A 93 8.67 9.00 26.41
C ASP A 93 9.76 7.96 26.11
N THR A 94 10.68 7.72 27.06
CA THR A 94 11.77 6.79 26.82
C THR A 94 11.20 5.37 26.71
N ALA A 95 11.51 4.69 25.60
CA ALA A 95 11.00 3.35 25.30
C ALA A 95 11.61 2.79 24.02
N VAL A 96 11.32 1.51 23.74
CA VAL A 96 11.58 1.00 22.39
C VAL A 96 10.32 1.26 21.60
N TYR A 97 10.47 1.98 20.46
CA TYR A 97 9.34 2.26 19.58
C TYR A 97 9.35 1.25 18.43
N TYR A 98 8.20 0.60 18.20
CA TYR A 98 8.12 -0.45 17.21
C TYR A 98 7.20 0.03 16.10
N CYS A 99 7.71 0.00 14.86
CA CYS A 99 6.83 0.23 13.70
C CYS A 99 5.80 -0.90 13.61
N ALA A 100 4.58 -0.54 13.18
CA ALA A 100 3.52 -1.53 13.00
C ALA A 100 2.80 -1.29 11.68
N ALA A 101 2.32 -2.38 11.04
CA ALA A 101 1.37 -2.26 9.95
C ALA A 101 0.17 -3.14 10.24
N ALA A 102 -1.03 -2.64 9.91
CA ALA A 102 -2.26 -3.36 10.23
C ALA A 102 -3.29 -2.96 9.17
N ARG A 103 -4.33 -3.80 9.03
CA ARG A 103 -5.33 -3.50 8.03
C ARG A 103 -6.14 -2.29 8.45
N GLY A 104 -6.49 -1.44 7.45
CA GLY A 104 -7.44 -0.36 7.77
C GLY A 104 -8.83 -0.92 8.11
N LEU A 105 -9.54 -0.21 8.99
CA LEU A 105 -10.93 -0.59 9.31
C LEU A 105 -11.81 -0.22 8.11
N SER A 106 -13.02 -0.78 8.06
CA SER A 106 -13.86 -0.61 6.88
C SER A 106 -14.32 0.83 6.66
N ASP A 107 -14.28 1.69 7.69
CA ASP A 107 -14.66 3.08 7.57
C ASP A 107 -13.45 4.00 7.39
N TRP A 108 -12.32 3.43 6.92
CA TRP A 108 -11.13 4.21 6.59
C TRP A 108 -10.53 4.86 7.85
N THR A 109 -10.54 4.09 8.96
CA THR A 109 -9.92 4.55 10.20
C THR A 109 -8.91 3.51 10.66
N CYS A 110 -8.01 3.93 11.57
CA CYS A 110 -7.08 3.01 12.20
C CYS A 110 -7.35 2.99 13.70
N SER A 111 -7.26 1.77 14.27
CA SER A 111 -7.38 1.60 15.71
C SER A 111 -6.12 0.94 16.23
N PHE A 112 -5.80 1.24 17.50
CA PHE A 112 -4.69 0.55 18.13
C PHE A 112 -5.10 -0.85 18.58
N GLU A 113 -6.40 -1.12 18.54
CA GLU A 113 -6.90 -2.37 19.07
C GLU A 113 -7.16 -3.31 17.89
N SER A 114 -7.30 -4.58 18.25
CA SER A 114 -7.78 -5.63 17.39
C SER A 114 -6.75 -6.06 16.35
N GLY A 115 -5.47 -5.90 16.67
CA GLY A 115 -4.48 -6.77 16.02
C GLY A 115 -3.50 -5.95 15.20
N VAL A 116 -2.23 -6.38 15.23
CA VAL A 116 -1.23 -5.79 14.36
C VAL A 116 -0.71 -6.93 13.50
N ASN A 117 -0.58 -6.67 12.20
CA ASN A 117 -0.22 -7.71 11.25
C ASN A 117 1.30 -7.87 11.21
N SER A 118 2.06 -6.75 11.27
CA SER A 118 3.50 -6.82 11.05
C SER A 118 4.21 -5.81 11.95
N TRP A 119 5.38 -6.20 12.43
CA TRP A 119 6.13 -5.38 13.36
C TRP A 119 7.53 -5.10 12.84
N GLY A 120 8.07 -3.92 13.20
CA GLY A 120 9.48 -3.66 13.01
C GLY A 120 10.30 -4.16 14.22
N GLN A 121 11.64 -4.11 14.07
CA GLN A 121 12.48 -4.72 15.09
C GLN A 121 12.60 -3.80 16.31
N GLY A 122 12.28 -2.51 16.13
CA GLY A 122 12.25 -1.56 17.25
C GLY A 122 13.42 -0.58 17.26
N THR A 123 13.15 0.67 17.73
CA THR A 123 14.14 1.73 17.81
C THR A 123 14.12 2.26 19.24
N GLN A 124 15.29 2.34 19.91
CA GLN A 124 15.31 2.90 21.26
C GLN A 124 15.26 4.43 21.15
N VAL A 125 14.43 5.03 21.99
CA VAL A 125 14.46 6.48 22.19
C VAL A 125 14.72 6.68 23.67
N THR A 126 15.71 7.54 24.01
CA THR A 126 16.01 7.80 25.42
C THR A 126 15.95 9.29 25.70
N VAL A 127 15.19 9.67 26.71
CA VAL A 127 15.09 11.08 27.08
C VAL A 127 15.51 11.20 28.54
N SER A 128 16.54 12.03 28.80
CA SER A 128 16.99 12.20 30.18
C SER A 128 16.44 13.50 30.75
N SER A 129 16.27 13.52 32.09
CA SER A 129 15.95 14.75 32.81
C SER A 129 17.03 15.81 32.55
N ALA B 4 -12.46 -21.46 -31.15
CA ALA B 4 -11.10 -20.95 -31.42
C ALA B 4 -10.84 -19.66 -30.64
N ASN B 5 -11.86 -19.14 -29.95
CA ASN B 5 -11.83 -17.94 -29.12
C ASN B 5 -11.29 -18.26 -27.73
N GLY B 6 -10.78 -17.23 -27.07
CA GLY B 6 -10.50 -17.34 -25.66
C GLY B 6 -9.05 -17.72 -25.37
N TYR B 7 -8.84 -18.00 -24.10
CA TYR B 7 -7.50 -18.25 -23.59
C TYR B 7 -7.04 -19.58 -24.14
N LYS B 8 -5.76 -19.63 -24.56
CA LYS B 8 -5.21 -20.85 -25.10
C LYS B 8 -3.77 -20.97 -24.66
N THR B 9 -3.32 -22.20 -24.49
CA THR B 9 -1.93 -22.45 -24.22
C THR B 9 -1.39 -23.22 -25.41
N ILE B 10 -0.38 -22.66 -26.10
CA ILE B 10 0.20 -23.24 -27.30
C ILE B 10 1.71 -23.23 -27.12
N ASP B 11 2.38 -24.38 -27.30
CA ASP B 11 3.83 -24.48 -27.17
C ASP B 11 4.30 -23.89 -25.83
N ASN B 12 3.50 -24.07 -24.77
CA ASN B 12 3.82 -23.56 -23.44
C ASN B 12 3.85 -22.02 -23.41
N LYS B 13 3.05 -21.38 -24.26
CA LYS B 13 2.91 -19.92 -24.23
C LYS B 13 1.41 -19.65 -24.17
N ASN B 14 1.02 -18.54 -23.54
CA ASN B 14 -0.41 -18.28 -23.40
C ASN B 14 -0.84 -17.14 -24.29
N PHE B 15 -2.05 -17.28 -24.85
CA PHE B 15 -2.57 -16.32 -25.81
C PHE B 15 -4.04 -16.13 -25.50
N TYR B 16 -4.63 -15.04 -26.00
CA TYR B 16 -6.03 -14.76 -25.82
C TYR B 16 -6.60 -14.44 -27.19
N PHE B 17 -7.44 -15.35 -27.73
CA PHE B 17 -7.80 -15.24 -29.14
C PHE B 17 -9.16 -14.59 -29.31
N ARG B 18 -9.25 -13.75 -30.34
CA ARG B 18 -10.53 -13.29 -30.89
C ARG B 18 -10.35 -13.22 -32.41
N ASN B 19 -11.42 -13.56 -33.17
CA ASN B 19 -11.28 -13.64 -34.62
C ASN B 19 -10.17 -14.58 -35.05
N GLY B 20 -9.93 -15.62 -34.24
CA GLY B 20 -8.89 -16.58 -34.56
C GLY B 20 -7.47 -16.01 -34.51
N LEU B 21 -7.29 -14.84 -33.85
CA LEU B 21 -5.99 -14.19 -33.83
C LEU B 21 -5.67 -13.81 -32.38
N PRO B 22 -4.39 -13.81 -31.98
CA PRO B 22 -4.03 -13.37 -30.63
C PRO B 22 -4.31 -11.89 -30.51
N GLN B 23 -5.00 -11.53 -29.40
CA GLN B 23 -5.34 -10.13 -29.09
C GLN B 23 -4.30 -9.57 -28.13
N ILE B 24 -4.06 -8.26 -28.25
CA ILE B 24 -3.21 -7.50 -27.33
C ILE B 24 -4.06 -6.81 -26.28
N GLY B 25 -3.63 -6.97 -25.02
CA GLY B 25 -4.37 -6.35 -23.94
C GLY B 25 -4.19 -7.13 -22.63
N VAL B 26 -4.93 -6.67 -21.63
CA VAL B 26 -4.92 -7.36 -20.35
C VAL B 26 -6.25 -8.09 -20.21
N PHE B 27 -6.16 -9.42 -20.25
CA PHE B 27 -7.41 -10.20 -20.29
C PHE B 27 -7.33 -11.30 -19.24
N LYS B 28 -8.51 -11.74 -18.75
CA LYS B 28 -8.53 -12.72 -17.68
C LYS B 28 -8.64 -14.11 -18.30
N GLY B 29 -7.54 -14.84 -18.28
CA GLY B 29 -7.61 -16.23 -18.68
C GLY B 29 -7.90 -17.12 -17.47
N SER B 30 -7.58 -18.42 -17.57
CA SER B 30 -7.87 -19.31 -16.47
C SER B 30 -6.90 -19.06 -15.32
N ASN B 31 -5.90 -18.20 -15.58
CA ASN B 31 -4.81 -17.95 -14.66
C ASN B 31 -4.71 -16.48 -14.26
N GLY B 32 -5.84 -15.78 -14.12
CA GLY B 32 -5.95 -14.39 -13.70
C GLY B 32 -5.70 -13.46 -14.89
N PHE B 33 -5.58 -12.14 -14.62
CA PHE B 33 -5.39 -11.17 -15.70
C PHE B 33 -3.91 -11.15 -16.08
N GLU B 34 -3.64 -11.42 -17.37
CA GLU B 34 -2.27 -11.47 -17.87
C GLU B 34 -2.15 -10.39 -18.93
N TYR B 35 -0.90 -9.95 -19.19
CA TYR B 35 -0.63 -8.98 -20.23
C TYR B 35 -0.21 -9.73 -21.50
N PHE B 36 -1.15 -9.77 -22.46
CA PHE B 36 -0.89 -10.35 -23.78
C PHE B 36 -0.30 -9.22 -24.63
N ALA B 37 1.00 -9.29 -24.90
CA ALA B 37 1.73 -8.10 -25.34
C ALA B 37 2.05 -8.16 -26.82
N PRO B 38 2.29 -6.99 -27.44
CA PRO B 38 2.76 -6.96 -28.85
C PRO B 38 4.09 -7.68 -28.93
N ALA B 39 4.38 -8.25 -30.12
CA ALA B 39 5.70 -8.85 -30.30
C ALA B 39 6.82 -7.91 -29.88
N ASN B 40 7.87 -8.55 -29.34
CA ASN B 40 9.12 -7.87 -29.01
C ASN B 40 8.89 -6.83 -27.93
N THR B 41 7.98 -7.09 -26.98
CA THR B 41 7.89 -6.27 -25.77
C THR B 41 8.86 -6.76 -24.71
N ASP B 42 8.93 -8.09 -24.49
CA ASP B 42 9.87 -8.63 -23.53
C ASP B 42 10.42 -9.96 -24.02
N ALA B 43 11.74 -10.07 -24.02
CA ALA B 43 12.41 -11.35 -24.28
C ALA B 43 11.90 -12.00 -25.58
N ASN B 44 11.73 -11.19 -26.62
CA ASN B 44 11.36 -11.65 -27.95
C ASN B 44 10.04 -12.42 -27.93
N ASN B 45 9.09 -12.00 -27.07
CA ASN B 45 7.79 -12.64 -27.12
C ASN B 45 7.17 -12.44 -28.50
N ILE B 46 6.27 -13.36 -28.88
CA ILE B 46 5.59 -13.20 -30.15
C ILE B 46 4.26 -12.48 -29.90
N GLU B 47 3.62 -12.06 -30.98
CA GLU B 47 2.47 -11.16 -30.91
C GLU B 47 1.35 -11.83 -30.09
N GLY B 48 0.92 -11.10 -29.05
CA GLY B 48 -0.17 -11.56 -28.21
C GLY B 48 0.24 -12.57 -27.16
N GLN B 49 1.52 -12.94 -27.09
CA GLN B 49 1.96 -13.83 -26.01
C GLN B 49 1.90 -13.15 -24.63
N ALA B 50 1.39 -13.87 -23.62
CA ALA B 50 1.44 -13.40 -22.24
C ALA B 50 2.90 -13.32 -21.80
N ILE B 51 3.26 -12.18 -21.22
CA ILE B 51 4.64 -11.92 -20.81
C ILE B 51 4.80 -11.78 -19.31
N ARG B 52 6.04 -12.00 -18.87
CA ARG B 52 6.36 -11.71 -17.48
C ARG B 52 6.43 -10.19 -17.38
N TYR B 53 5.76 -9.68 -16.35
CA TYR B 53 5.59 -8.23 -16.25
C TYR B 53 5.17 -8.06 -14.79
N GLN B 54 6.12 -7.64 -13.96
CA GLN B 54 5.93 -7.81 -12.52
C GLN B 54 6.33 -6.57 -11.71
N ASN B 55 5.57 -6.38 -10.61
CA ASN B 55 5.81 -5.35 -9.60
C ASN B 55 5.90 -4.00 -10.28
N ARG B 56 4.96 -3.71 -11.19
CA ARG B 56 5.07 -2.42 -11.88
C ARG B 56 3.72 -2.03 -12.48
N PHE B 57 3.58 -0.73 -12.72
CA PHE B 57 2.40 -0.30 -13.44
C PHE B 57 2.53 -0.57 -14.93
N LEU B 58 1.37 -0.63 -15.59
CA LEU B 58 1.29 -0.71 -17.04
C LEU B 58 0.29 0.33 -17.52
N HIS B 59 0.71 1.18 -18.46
CA HIS B 59 -0.21 2.10 -19.08
C HIS B 59 -0.46 1.61 -20.50
N LEU B 60 -1.72 1.33 -20.80
CA LEU B 60 -2.05 0.72 -22.09
C LEU B 60 -3.32 1.37 -22.59
N LEU B 61 -3.19 2.11 -23.69
CA LEU B 61 -4.32 2.82 -24.30
C LEU B 61 -5.07 3.71 -23.31
N GLY B 62 -4.32 4.48 -22.50
CA GLY B 62 -4.94 5.44 -21.59
C GLY B 62 -5.61 4.77 -20.38
N LYS B 63 -5.38 3.46 -20.18
CA LYS B 63 -5.81 2.80 -18.95
C LYS B 63 -4.60 2.39 -18.12
N ILE B 64 -4.79 2.21 -16.81
CA ILE B 64 -3.66 1.97 -15.91
C ILE B 64 -3.91 0.67 -15.16
N TYR B 65 -2.92 -0.24 -15.18
CA TYR B 65 -2.96 -1.49 -14.43
C TYR B 65 -1.74 -1.58 -13.52
N TYR B 66 -1.82 -2.44 -12.50
CA TYR B 66 -0.64 -2.71 -11.66
C TYR B 66 -0.46 -4.21 -11.64
N PHE B 67 0.77 -4.68 -11.98
CA PHE B 67 1.04 -6.11 -11.96
C PHE B 67 1.85 -6.40 -10.71
N GLY B 68 1.40 -7.43 -10.00
CA GLY B 68 2.08 -7.88 -8.78
C GLY B 68 3.24 -8.84 -9.09
N ASN B 69 3.61 -9.64 -8.07
CA ASN B 69 4.88 -10.33 -8.09
C ASN B 69 4.75 -11.64 -8.87
N ASN B 70 3.58 -11.90 -9.45
CA ASN B 70 3.32 -13.12 -10.21
C ASN B 70 2.88 -12.82 -11.66
N SER B 71 3.21 -11.62 -12.12
CA SER B 71 2.91 -11.21 -13.49
C SER B 71 1.41 -11.23 -13.77
N LYS B 72 0.59 -10.98 -12.74
CA LYS B 72 -0.86 -10.92 -12.92
C LYS B 72 -1.33 -9.55 -12.45
N ALA B 73 -2.33 -9.00 -13.18
CA ALA B 73 -2.83 -7.68 -12.80
C ALA B 73 -3.63 -7.80 -11.52
N VAL B 74 -3.44 -6.85 -10.61
CA VAL B 74 -4.19 -6.85 -9.35
C VAL B 74 -5.60 -6.28 -9.55
N THR B 75 -6.48 -6.61 -8.59
CA THR B 75 -7.83 -6.01 -8.59
C THR B 75 -8.11 -5.51 -7.18
N GLY B 76 -9.16 -4.66 -7.08
CA GLY B 76 -9.63 -4.21 -5.77
C GLY B 76 -8.72 -3.12 -5.21
N TRP B 77 -8.90 -2.84 -3.91
CA TRP B 77 -8.13 -1.78 -3.27
C TRP B 77 -6.66 -2.17 -3.18
N GLN B 78 -5.76 -1.21 -3.42
CA GLN B 78 -4.34 -1.52 -3.40
C GLN B 78 -3.64 -0.27 -2.87
N THR B 79 -2.60 -0.46 -2.05
CA THR B 79 -1.83 0.67 -1.54
C THR B 79 -0.41 0.57 -2.14
N ILE B 80 -0.09 1.50 -3.05
CA ILE B 80 1.14 1.40 -3.84
C ILE B 80 1.85 2.75 -3.78
N ASN B 81 3.11 2.72 -3.33
CA ASN B 81 3.92 3.94 -3.34
C ASN B 81 3.16 5.06 -2.59
N GLY B 82 2.54 4.74 -1.44
CA GLY B 82 1.96 5.80 -0.61
C GLY B 82 0.55 6.23 -1.03
N LYS B 83 0.04 5.65 -2.11
CA LYS B 83 -1.26 6.07 -2.62
C LYS B 83 -2.22 4.88 -2.64
N VAL B 84 -3.51 5.21 -2.59
CA VAL B 84 -4.56 4.20 -2.72
C VAL B 84 -5.07 4.19 -4.16
N TYR B 85 -5.24 2.97 -4.70
CA TYR B 85 -5.83 2.77 -6.02
C TYR B 85 -6.95 1.75 -5.88
N TYR B 86 -7.89 1.74 -6.85
CA TYR B 86 -8.87 0.67 -6.91
C TYR B 86 -8.91 0.18 -8.36
N PHE B 87 -8.58 -1.10 -8.53
CA PHE B 87 -8.55 -1.69 -9.87
C PHE B 87 -9.84 -2.48 -10.04
N MET B 88 -10.60 -2.09 -11.06
CA MET B 88 -11.97 -2.61 -11.19
CA MET B 88 -11.96 -2.62 -11.20
C MET B 88 -11.91 -4.13 -11.34
N PRO B 89 -12.66 -4.92 -10.54
CA PRO B 89 -12.60 -6.37 -10.62
C PRO B 89 -12.82 -6.98 -12.01
N ASP B 90 -13.72 -6.40 -12.84
CA ASP B 90 -13.99 -7.12 -14.08
CA ASP B 90 -14.08 -6.94 -14.15
C ASP B 90 -13.02 -6.75 -15.23
N THR B 91 -12.13 -5.74 -15.07
CA THR B 91 -11.22 -5.34 -16.14
C THR B 91 -9.78 -5.25 -15.66
N ALA B 92 -9.59 -5.12 -14.34
CA ALA B 92 -8.31 -4.76 -13.73
C ALA B 92 -7.85 -3.34 -14.06
N MET B 93 -8.70 -2.50 -14.69
CA MET B 93 -8.29 -1.13 -15.00
C MET B 93 -8.47 -0.27 -13.76
N ALA B 94 -7.48 0.58 -13.49
CA ALA B 94 -7.64 1.51 -12.36
C ALA B 94 -8.82 2.45 -12.59
N ALA B 95 -9.59 2.65 -11.51
CA ALA B 95 -10.55 3.75 -11.48
C ALA B 95 -9.80 5.06 -11.61
N ALA B 96 -10.24 5.93 -12.54
CA ALA B 96 -9.49 7.16 -12.83
C ALA B 96 -10.47 8.14 -13.43
N GLY B 97 -10.20 9.43 -13.23
CA GLY B 97 -10.83 10.50 -14.00
C GLY B 97 -12.08 11.11 -13.35
N GLY B 98 -12.38 10.77 -12.09
CA GLY B 98 -13.58 11.33 -11.48
C GLY B 98 -14.16 10.41 -10.40
N LEU B 99 -15.49 10.52 -10.23
CA LEU B 99 -16.19 9.85 -9.15
C LEU B 99 -16.54 8.41 -9.52
N PHE B 100 -16.29 7.49 -8.58
CA PHE B 100 -16.63 6.06 -8.69
C PHE B 100 -17.39 5.66 -7.44
N GLU B 101 -18.48 4.87 -7.63
CA GLU B 101 -19.19 4.31 -6.50
C GLU B 101 -18.68 2.89 -6.32
N ILE B 102 -18.11 2.61 -5.14
CA ILE B 102 -17.56 1.29 -4.86
C ILE B 102 -18.20 0.84 -3.53
N ASP B 103 -18.92 -0.28 -3.60
CA ASP B 103 -19.61 -0.85 -2.45
C ASP B 103 -20.41 0.22 -1.73
N GLY B 104 -21.17 1.01 -2.51
CA GLY B 104 -22.11 1.99 -2.03
C GLY B 104 -21.50 3.27 -1.45
N VAL B 105 -20.21 3.52 -1.68
CA VAL B 105 -19.57 4.75 -1.20
C VAL B 105 -18.92 5.41 -2.42
N ILE B 106 -18.99 6.75 -2.49
CA ILE B 106 -18.46 7.44 -3.65
C ILE B 106 -17.10 8.06 -3.33
N TYR B 107 -16.11 7.81 -4.21
CA TYR B 107 -14.76 8.30 -4.05
C TYR B 107 -14.34 9.03 -5.32
N PHE B 108 -13.36 9.93 -5.20
CA PHE B 108 -12.78 10.59 -6.37
C PHE B 108 -11.41 9.96 -6.68
N PHE B 109 -11.16 9.63 -7.97
CA PHE B 109 -9.85 9.16 -8.39
C PHE B 109 -9.29 10.08 -9.48
N GLY B 110 -8.02 10.48 -9.32
CA GLY B 110 -7.39 11.33 -10.32
C GLY B 110 -7.19 10.61 -11.65
N VAL B 111 -6.71 11.41 -12.63
CA VAL B 111 -6.39 10.86 -13.94
C VAL B 111 -5.32 9.79 -13.85
N ASP B 112 -4.42 9.87 -12.85
CA ASP B 112 -3.39 8.87 -12.70
C ASP B 112 -3.87 7.71 -11.82
N GLY B 113 -5.18 7.66 -11.50
CA GLY B 113 -5.71 6.56 -10.71
C GLY B 113 -5.58 6.75 -9.20
N VAL B 114 -4.98 7.84 -8.74
CA VAL B 114 -4.79 7.96 -7.28
C VAL B 114 -6.10 8.41 -6.63
N LYS B 115 -6.53 7.66 -5.58
CA LYS B 115 -7.71 8.08 -4.83
C LYS B 115 -7.42 9.37 -4.04
N ALA B 116 -8.29 10.38 -4.21
CA ALA B 116 -8.24 11.58 -3.40
C ALA B 116 -8.60 11.22 -1.96
N PRO B 117 -8.07 11.94 -0.96
CA PRO B 117 -8.45 11.63 0.44
C PRO B 117 -9.92 11.88 0.63
N GLY B 118 -10.53 11.04 1.47
CA GLY B 118 -11.89 11.33 1.91
C GLY B 118 -12.98 10.70 1.05
N ILE B 119 -14.23 10.93 1.48
CA ILE B 119 -15.41 10.33 0.87
C ILE B 119 -16.20 11.46 0.22
N TYR B 120 -16.69 11.20 -1.00
CA TYR B 120 -17.33 12.22 -1.84
C TYR B 120 -18.85 12.00 -1.88
N GLY B 121 -19.36 10.87 -1.39
CA GLY B 121 -20.80 10.65 -1.31
C GLY B 121 -21.20 9.21 -1.00
#